data_3LS4
#
_entry.id   3LS4
#
_cell.length_a   122.760
_cell.length_b   122.760
_cell.length_c   73.310
_cell.angle_alpha   90.000
_cell.angle_beta   90.000
_cell.angle_gamma   90.000
#
_symmetry.space_group_name_H-M   'P 43 21 2'
#
loop_
_entity.id
_entity.type
_entity.pdbx_description
1 polymer 'Light chain of antibody Fab fragment'
2 polymer 'Heavy chain of antibody Fab fragment'
3 non-polymer (6aR,10aR)-6,6,9-trimethyl-3-pentyl-6a,7,8,10a-tetrahydro-6H-benzo[c]chromen-1-ol
4 water water
#
loop_
_entity_poly.entity_id
_entity_poly.type
_entity_poly.pdbx_seq_one_letter_code
_entity_poly.pdbx_strand_id
1 'polypeptide(L)'
;DIVLTQSPTTMAASPGEKITITCSASSSISSNYLHWYQQKPGFSPKLLIYRTSNLASGVPARFSGSGSGTSYSLTIGTME
AEDVATYYCQQGSSIPLTFGAGTKLELKRADAAPTVSIFPPSSEQLTSGGASVVCFLNNFYPKDINVKWKIDGSERQNGV
LNSWTDQDSKDSTYSMSSTLTLTKDEYERHNSYTCEATHKTSTSPIVKSFNRNEC
;
L
2 'polypeptide(L)'
;EVKLVESGGGLVKPGGSLKLSCAASGFTFNNYVMVWLRQTPEKRLEWVASISRGGSTYYPDSVKGRFTISRDNARNILYL
QMSSLRSEDTAMYYCVRGTTIVAGDVWGAGTTVTVSSAKTTPPSVYPLAPGSAAQTNSMVTLGCLVKGYFPEPVTVTWNS
GSLSSGVHTFPAVLQSDLYTLSSSVTVPSSTWPSETVTCNVAHPASSTKVDKKIVPRDC
;
H
#
loop_
_chem_comp.id
_chem_comp.type
_chem_comp.name
_chem_comp.formula
TCI non-polymer (6aR,10aR)-6,6,9-trimethyl-3-pentyl-6a,7,8,10a-tetrahydro-6H-benzo[c]chromen-1-ol 'C21 H30 O2'
#
# COMPACT_ATOMS: atom_id res chain seq x y z
N ASP A 1 -10.63 25.15 -12.58
CA ASP A 1 -10.68 24.12 -11.53
C ASP A 1 -9.52 24.38 -10.58
N ILE A 2 -9.73 24.18 -9.27
CA ILE A 2 -8.65 24.41 -8.32
C ILE A 2 -7.65 23.26 -8.26
N VAL A 3 -6.37 23.60 -8.43
CA VAL A 3 -5.28 22.71 -8.14
C VAL A 3 -4.72 23.03 -6.75
N LEU A 4 -4.59 22.00 -5.91
CA LEU A 4 -3.97 22.14 -4.59
C LEU A 4 -2.61 21.49 -4.64
N THR A 5 -1.58 22.27 -4.28
CA THR A 5 -0.19 21.81 -4.37
C THR A 5 0.35 21.74 -2.96
N GLN A 6 0.63 20.54 -2.49
CA GLN A 6 1.08 20.40 -1.11
C GLN A 6 2.60 20.35 -1.04
N SER A 7 3.15 20.88 0.03
CA SER A 7 4.57 20.64 0.26
C SER A 7 4.99 20.68 1.73
N PRO A 8 6.10 20.00 2.02
CA PRO A 8 6.81 19.23 0.99
C PRO A 8 6.09 17.93 0.66
N THR A 9 6.57 17.23 -0.35
CA THR A 9 6.01 15.95 -0.76
C THR A 9 6.18 14.91 0.32
N THR A 10 7.31 14.99 1.01
CA THR A 10 7.65 14.02 2.01
C THR A 10 8.52 14.74 3.02
N MET A 11 8.40 14.35 4.29
CA MET A 11 9.05 15.08 5.37
C MET A 11 9.35 14.12 6.49
N ALA A 12 10.54 14.28 7.10
CA ALA A 12 10.97 13.40 8.18
C ALA A 12 11.19 14.28 9.41
N ALA A 13 10.69 13.83 10.54
CA ALA A 13 10.73 14.70 11.72
C ALA A 13 11.19 13.89 12.92
N SER A 14 12.03 14.53 13.73
CA SER A 14 12.47 13.96 15.00
C SER A 14 11.32 13.94 16.03
N PRO A 15 11.29 12.94 16.91
CA PRO A 15 10.29 13.02 17.98
C PRO A 15 10.40 14.35 18.75
N GLY A 16 9.26 14.94 19.06
CA GLY A 16 9.22 16.20 19.78
C GLY A 16 9.36 17.44 18.89
N GLU A 17 9.61 17.25 17.60
CA GLU A 17 9.95 18.37 16.70
C GLU A 17 8.70 19.08 16.16
N LYS A 18 8.75 20.39 16.01
CA LYS A 18 7.61 21.16 15.49
C LYS A 18 7.65 21.13 13.97
N ILE A 19 6.50 20.80 13.38
CA ILE A 19 6.34 20.42 11.99
C ILE A 19 5.29 21.29 11.31
N THR A 20 5.62 21.85 10.15
CA THR A 20 4.60 22.63 9.44
C THR A 20 4.56 22.21 7.99
N ILE A 21 3.35 21.89 7.51
CA ILE A 21 3.17 21.51 6.11
C ILE A 21 2.17 22.46 5.43
N THR A 22 2.29 22.65 4.13
CA THR A 22 1.56 23.72 3.43
C THR A 22 0.72 23.26 2.25
N CYS A 23 -0.36 23.97 2.02
CA CYS A 23 -1.27 23.63 0.93
C CYS A 23 -1.47 24.88 0.08
N SER A 24 -1.07 24.84 -1.18
CA SER A 24 -1.18 26.05 -1.98
C SER A 24 -2.13 25.89 -3.17
N ALA A 25 -3.12 26.78 -3.21
CA ALA A 25 -4.20 26.74 -4.20
C ALA A 25 -3.93 27.62 -5.41
N SER A 26 -4.42 27.18 -6.57
CA SER A 26 -4.16 27.86 -7.83
C SER A 26 -4.84 29.23 -7.90
N SER A 27 -6.01 29.38 -7.27
CA SER A 27 -6.70 30.67 -7.18
C SER A 27 -7.19 30.83 -5.76
N SER A 28 -7.47 32.06 -5.33
CA SER A 28 -8.06 32.29 -4.02
C SER A 28 -9.30 31.40 -3.80
N ILE A 29 -9.37 30.75 -2.65
CA ILE A 29 -10.49 29.91 -2.29
C ILE A 29 -10.99 30.31 -0.90
N SER A 30 -12.26 30.03 -0.62
CA SER A 30 -12.83 30.40 0.66
C SER A 30 -12.33 29.50 1.81
N SER A 31 -11.96 30.09 2.94
CA SER A 31 -11.38 29.30 4.01
C SER A 31 -12.37 28.46 4.81
N ASN A 32 -13.67 28.74 4.68
CA ASN A 32 -14.63 27.89 5.37
C ASN A 32 -14.81 26.51 4.70
N TYR A 33 -14.24 26.38 3.50
CA TYR A 33 -14.35 25.18 2.68
C TYR A 33 -12.97 24.58 2.39
N LEU A 34 -12.07 24.71 3.36
CA LEU A 34 -10.73 24.13 3.26
C LEU A 34 -10.46 23.23 4.46
N HIS A 35 -10.24 21.95 4.18
CA HIS A 35 -10.17 20.91 5.20
C HIS A 35 -8.95 20.00 4.98
N TRP A 36 -8.57 19.29 6.06
CA TRP A 36 -7.40 18.39 6.06
C TRP A 36 -7.81 16.99 6.50
N TYR A 37 -7.22 15.95 5.90
CA TYR A 37 -7.49 14.58 6.27
C TYR A 37 -6.17 13.92 6.61
N GLN A 38 -6.22 12.96 7.53
CA GLN A 38 -5.06 12.18 7.91
C GLN A 38 -5.32 10.72 7.53
N GLN A 39 -4.33 10.11 6.89
CA GLN A 39 -4.47 8.71 6.53
C GLN A 39 -3.27 7.90 7.01
N LYS A 40 -3.56 7.01 7.94
CA LYS A 40 -2.54 6.07 8.43
C LYS A 40 -2.54 4.89 7.48
N PRO A 41 -1.35 4.32 7.23
CA PRO A 41 -1.12 3.20 6.30
C PRO A 41 -2.06 2.04 6.65
N GLY A 42 -2.65 1.41 5.63
CA GLY A 42 -3.67 0.39 5.86
C GLY A 42 -5.01 0.83 6.45
N PHE A 43 -5.27 2.14 6.50
CA PHE A 43 -6.56 2.63 7.02
C PHE A 43 -7.18 3.63 6.03
N SER A 44 -8.45 3.98 6.25
CA SER A 44 -9.12 5.00 5.44
C SER A 44 -8.63 6.36 5.85
N PRO A 45 -8.71 7.36 4.98
CA PRO A 45 -8.50 8.72 5.45
C PRO A 45 -9.53 9.07 6.56
N LYS A 46 -9.21 10.03 7.43
CA LYS A 46 -10.13 10.53 8.44
C LYS A 46 -10.08 12.04 8.48
N LEU A 47 -11.23 12.67 8.69
CA LEU A 47 -11.26 14.12 8.82
C LEU A 47 -10.39 14.55 10.01
N LEU A 48 -9.51 15.52 9.78
CA LEU A 48 -8.54 15.91 10.79
C LEU A 48 -8.81 17.35 11.20
N ILE A 49 -8.92 18.21 10.20
CA ILE A 49 -9.17 19.64 10.44
C ILE A 49 -10.22 20.10 9.46
N TYR A 50 -11.23 20.83 9.96
CA TYR A 50 -12.24 21.40 9.06
C TYR A 50 -12.30 22.92 9.14
N ARG A 51 -12.68 23.54 8.03
CA ARG A 51 -12.78 24.99 7.99
C ARG A 51 -11.47 25.64 8.44
N THR A 52 -10.38 25.29 7.73
CA THR A 52 -9.03 25.81 7.95
C THR A 52 -8.38 25.50 9.31
N SER A 53 -9.11 25.66 10.41
CA SER A 53 -8.46 25.70 11.71
C SER A 53 -9.20 24.96 12.81
N ASN A 54 -10.34 24.37 12.48
CA ASN A 54 -11.12 23.66 13.48
C ASN A 54 -10.69 22.20 13.61
N LEU A 55 -10.21 21.79 14.78
CA LEU A 55 -9.84 20.39 14.95
C LEU A 55 -11.05 19.50 15.01
N ALA A 56 -10.99 18.37 14.32
CA ALA A 56 -12.09 17.45 14.29
C ALA A 56 -12.10 16.59 15.54
N SER A 57 -13.10 15.74 15.63
CA SER A 57 -13.26 14.85 16.75
C SER A 57 -12.05 13.94 16.97
N GLY A 58 -11.67 13.78 18.24
CA GLY A 58 -10.57 12.90 18.61
C GLY A 58 -9.17 13.45 18.40
N VAL A 59 -9.06 14.55 17.67
CA VAL A 59 -7.76 15.06 17.26
C VAL A 59 -7.02 15.77 18.41
N PRO A 60 -5.79 15.32 18.74
CA PRO A 60 -5.12 15.89 19.92
C PRO A 60 -4.81 17.35 19.69
N ALA A 61 -4.55 18.08 20.78
CA ALA A 61 -4.40 19.53 20.72
C ALA A 61 -3.10 20.02 20.09
N ARG A 62 -2.13 19.12 19.89
CA ARG A 62 -0.87 19.53 19.24
C ARG A 62 -1.07 19.85 17.76
N PHE A 63 -2.21 19.47 17.22
CA PHE A 63 -2.52 19.84 15.84
C PHE A 63 -3.11 21.25 15.75
N SER A 64 -2.85 21.95 14.66
CA SER A 64 -3.58 23.18 14.38
C SER A 64 -3.47 23.50 12.88
N GLY A 65 -4.21 24.48 12.41
CA GLY A 65 -4.19 24.80 11.01
C GLY A 65 -4.45 26.26 10.84
N SER A 66 -4.03 26.83 9.71
CA SER A 66 -4.34 28.23 9.45
C SER A 66 -4.13 28.61 8.01
N GLY A 67 -4.55 29.83 7.69
CA GLY A 67 -4.43 30.36 6.35
C GLY A 67 -5.69 31.08 5.88
N SER A 68 -5.63 31.53 4.63
CA SER A 68 -6.76 32.10 3.90
C SER A 68 -6.23 32.41 2.50
N GLY A 69 -7.10 32.73 1.57
CA GLY A 69 -6.64 33.02 0.22
C GLY A 69 -6.17 31.85 -0.59
N THR A 70 -4.89 31.86 -0.98
CA THR A 70 -4.32 30.78 -1.79
C THR A 70 -3.36 29.89 -0.97
N SER A 71 -3.33 30.09 0.34
CA SER A 71 -2.22 29.58 1.15
C SER A 71 -2.62 29.17 2.57
N TYR A 72 -2.50 27.87 2.86
CA TYR A 72 -2.99 27.25 4.09
C TYR A 72 -1.90 26.33 4.63
N SER A 73 -1.94 26.08 5.94
CA SER A 73 -0.91 25.23 6.53
C SER A 73 -1.46 24.40 7.68
N LEU A 74 -0.82 23.26 7.93
CA LEU A 74 -1.13 22.43 9.07
C LEU A 74 0.14 22.31 9.92
N THR A 75 -0.02 22.46 11.22
CA THR A 75 1.12 22.42 12.11
C THR A 75 0.89 21.41 13.18
N ILE A 76 1.91 20.58 13.42
CA ILE A 76 1.96 19.69 14.57
C ILE A 76 3.01 20.24 15.56
N GLY A 77 2.57 20.57 16.76
CA GLY A 77 3.42 21.23 17.74
C GLY A 77 4.60 20.38 18.18
N THR A 78 4.35 19.09 18.42
CA THR A 78 5.40 18.16 18.76
C THR A 78 5.12 16.85 18.04
N MET A 79 5.97 16.49 17.09
CA MET A 79 5.84 15.20 16.41
C MET A 79 5.79 14.01 17.36
N GLU A 80 4.82 13.12 17.13
CA GLU A 80 4.71 11.88 17.92
C GLU A 80 4.71 10.77 16.91
N ALA A 81 5.05 9.57 17.38
CA ALA A 81 5.18 8.44 16.47
C ALA A 81 3.83 8.16 15.84
N GLU A 82 2.76 8.33 16.61
CA GLU A 82 1.40 8.03 16.15
C GLU A 82 0.98 8.97 15.02
N ASP A 83 1.76 10.01 14.78
CA ASP A 83 1.50 11.02 13.73
C ASP A 83 2.03 10.67 12.36
N VAL A 84 2.70 9.52 12.25
CA VAL A 84 3.23 9.06 10.98
C VAL A 84 2.05 8.74 10.07
N ALA A 85 1.95 9.43 8.93
CA ALA A 85 0.77 9.32 8.07
C ALA A 85 0.96 10.18 6.86
N THR A 86 -0.01 10.09 5.94
CA THR A 86 -0.07 11.02 4.82
C THR A 86 -1.19 12.02 5.15
N TYR A 87 -0.93 13.31 4.92
CA TYR A 87 -1.91 14.36 5.19
C TYR A 87 -2.39 14.97 3.85
N TYR A 88 -3.70 15.11 3.66
CA TYR A 88 -4.26 15.66 2.45
C TYR A 88 -5.09 16.89 2.78
N CYS A 89 -4.91 17.94 1.98
CA CYS A 89 -5.81 19.09 2.03
C CYS A 89 -6.90 18.93 0.93
N GLN A 90 -8.05 19.57 1.10
CA GLN A 90 -9.15 19.39 0.14
C GLN A 90 -9.98 20.67 0.11
N GLN A 91 -10.37 21.11 -1.09
CA GLN A 91 -11.20 22.34 -1.18
C GLN A 91 -12.62 22.01 -1.60
N GLY A 92 -13.59 22.68 -0.98
CA GLY A 92 -14.97 22.48 -1.43
C GLY A 92 -15.75 23.73 -1.81
N SER A 93 -15.06 24.78 -2.23
CA SER A 93 -15.77 26.02 -2.63
C SER A 93 -15.95 26.10 -4.14
N SER A 94 -15.39 25.14 -4.86
CA SER A 94 -15.55 25.09 -6.29
C SER A 94 -15.69 23.65 -6.77
N ILE A 95 -16.62 23.47 -7.71
CA ILE A 95 -16.83 22.23 -8.46
C ILE A 95 -15.91 22.22 -9.69
N PRO A 96 -15.19 21.10 -9.94
CA PRO A 96 -15.13 19.82 -9.23
C PRO A 96 -14.38 19.93 -7.91
N LEU A 97 -14.80 19.16 -6.89
CA LEU A 97 -14.06 19.13 -5.62
C LEU A 97 -12.70 18.53 -5.92
N THR A 98 -11.65 19.06 -5.29
CA THR A 98 -10.29 18.53 -5.55
C THR A 98 -9.49 18.41 -4.27
N PHE A 99 -8.44 17.59 -4.35
CA PHE A 99 -7.58 17.24 -3.22
C PHE A 99 -6.13 17.56 -3.58
N GLY A 100 -5.32 17.96 -2.60
CA GLY A 100 -3.87 17.96 -2.77
C GLY A 100 -3.40 16.53 -2.93
N ALA A 101 -2.20 16.33 -3.45
CA ALA A 101 -1.65 14.96 -3.60
C ALA A 101 -1.04 14.36 -2.30
N GLY A 102 -1.06 15.10 -1.22
CA GLY A 102 -0.69 14.51 0.06
C GLY A 102 0.77 14.79 0.44
N THR A 103 0.98 14.96 1.74
CA THR A 103 2.34 15.02 2.28
C THR A 103 2.52 13.88 3.25
N LYS A 104 3.56 13.11 3.02
CA LYS A 104 3.87 11.97 3.85
C LYS A 104 4.85 12.40 4.95
N LEU A 105 4.47 12.12 6.19
CA LEU A 105 5.28 12.43 7.36
C LEU A 105 5.94 11.16 7.83
N GLU A 106 7.25 11.18 8.03
CA GLU A 106 7.93 10.01 8.61
C GLU A 106 8.73 10.36 9.87
N LEU A 107 8.99 9.37 10.71
CA LEU A 107 9.73 9.62 11.94
C LEU A 107 11.25 9.37 11.76
N LYS A 108 12.08 10.31 12.21
CA LYS A 108 13.54 10.07 12.29
C LYS A 108 13.92 9.14 13.45
N ARG A 109 15.02 8.40 13.28
CA ARG A 109 15.54 7.53 14.33
C ARG A 109 17.01 7.26 14.01
N ALA A 110 17.67 6.42 14.82
CA ALA A 110 19.08 6.13 14.57
C ALA A 110 19.28 5.32 13.28
N ASP A 111 20.35 5.62 12.54
CA ASP A 111 20.75 4.80 11.40
C ASP A 111 20.81 3.36 11.81
N ALA A 112 20.43 2.48 10.90
CA ALA A 112 20.48 1.04 11.13
C ALA A 112 20.80 0.39 9.79
N ALA A 113 21.75 -0.55 9.79
CA ALA A 113 22.14 -1.23 8.54
C ALA A 113 21.13 -2.30 8.15
N PRO A 114 20.92 -2.50 6.83
CA PRO A 114 20.03 -3.60 6.43
C PRO A 114 20.61 -4.95 6.82
N THR A 115 19.77 -5.87 7.31
CA THR A 115 20.09 -7.30 7.25
C THR A 115 19.70 -7.83 5.87
N VAL A 116 20.64 -8.49 5.21
CA VAL A 116 20.49 -8.88 3.81
C VAL A 116 20.54 -10.40 3.64
N SER A 117 19.63 -10.95 2.84
CA SER A 117 19.55 -12.39 2.62
C SER A 117 19.19 -12.69 1.18
N ILE A 118 19.85 -13.70 0.60
CA ILE A 118 19.63 -14.07 -0.78
C ILE A 118 19.11 -15.50 -0.79
N PHE A 119 18.28 -15.81 -1.79
CA PHE A 119 17.61 -17.11 -1.86
C PHE A 119 17.54 -17.64 -3.26
N PRO A 120 18.01 -18.87 -3.47
CA PRO A 120 17.94 -19.44 -4.82
C PRO A 120 16.53 -19.88 -5.20
N PRO A 121 16.34 -20.15 -6.49
CA PRO A 121 15.11 -20.71 -7.06
C PRO A 121 14.80 -22.04 -6.39
N SER A 122 13.53 -22.25 -6.05
CA SER A 122 13.11 -23.54 -5.49
C SER A 122 12.95 -24.56 -6.62
N SER A 123 13.08 -25.84 -6.27
CA SER A 123 12.86 -26.88 -7.26
C SER A 123 11.44 -26.80 -7.82
N GLU A 124 10.46 -26.55 -6.95
CA GLU A 124 9.07 -26.41 -7.40
C GLU A 124 9.02 -25.45 -8.60
N GLN A 125 9.66 -24.29 -8.47
CA GLN A 125 9.60 -23.28 -9.54
C GLN A 125 10.36 -23.69 -10.81
N LEU A 126 11.47 -24.39 -10.66
CA LEU A 126 12.22 -24.81 -11.85
C LEU A 126 11.41 -25.79 -12.70
N THR A 127 10.79 -26.76 -12.04
CA THR A 127 9.88 -27.68 -12.71
C THR A 127 8.92 -26.89 -13.60
N SER A 128 8.31 -25.85 -13.06
CA SER A 128 7.44 -25.02 -13.88
C SER A 128 8.14 -24.34 -15.06
N GLY A 129 9.47 -24.18 -15.00
CA GLY A 129 10.19 -23.59 -16.13
C GLY A 129 10.75 -22.19 -15.90
N GLY A 130 10.76 -21.74 -14.65
CA GLY A 130 11.24 -20.40 -14.32
C GLY A 130 12.20 -20.37 -13.15
N ALA A 131 12.91 -19.26 -12.99
CA ALA A 131 13.85 -19.13 -11.88
C ALA A 131 13.88 -17.72 -11.31
N SER A 132 13.37 -17.58 -10.09
CA SER A 132 13.39 -16.30 -9.38
C SER A 132 14.44 -16.33 -8.29
N VAL A 133 15.31 -15.33 -8.28
CA VAL A 133 16.28 -15.18 -7.20
C VAL A 133 15.81 -14.02 -6.32
N VAL A 134 15.68 -14.24 -5.02
CA VAL A 134 15.15 -13.21 -4.12
C VAL A 134 16.16 -12.71 -3.10
N CYS A 135 16.25 -11.40 -2.97
CA CYS A 135 17.08 -10.78 -1.95
C CYS A 135 16.22 -9.88 -1.03
N PHE A 136 16.26 -10.14 0.28
CA PHE A 136 15.62 -9.26 1.25
C PHE A 136 16.61 -8.32 1.89
N LEU A 137 16.26 -7.05 1.94
CA LEU A 137 17.04 -6.06 2.69
C LEU A 137 16.16 -5.46 3.78
N ASN A 138 16.34 -5.94 5.00
CA ASN A 138 15.40 -5.69 6.09
C ASN A 138 15.85 -4.74 7.19
N ASN A 139 14.90 -3.99 7.73
CA ASN A 139 15.07 -3.15 8.92
C ASN A 139 16.25 -2.17 8.91
N PHE A 140 16.28 -1.28 7.92
CA PHE A 140 17.32 -0.27 7.82
C PHE A 140 16.78 1.18 7.94
N TYR A 141 17.67 2.11 8.26
CA TYR A 141 17.32 3.53 8.28
C TYR A 141 18.62 4.28 8.00
N PRO A 142 18.58 5.32 7.15
CA PRO A 142 17.40 5.91 6.49
C PRO A 142 16.95 5.12 5.23
N LYS A 143 15.83 5.53 4.61
CA LYS A 143 15.16 4.75 3.57
C LYS A 143 15.92 4.64 2.23
N ASP A 144 16.76 5.62 1.91
CA ASP A 144 17.55 5.55 0.69
C ASP A 144 18.51 4.34 0.70
N ILE A 145 18.37 3.50 -0.30
CA ILE A 145 19.15 2.28 -0.42
C ILE A 145 19.25 1.91 -1.90
N ASN A 146 20.31 1.19 -2.27
CA ASN A 146 20.49 0.82 -3.66
C ASN A 146 20.95 -0.63 -3.73
N VAL A 147 20.36 -1.37 -4.65
CA VAL A 147 20.64 -2.78 -4.79
C VAL A 147 21.17 -3.04 -6.19
N LYS A 148 22.25 -3.82 -6.27
CA LYS A 148 22.84 -4.20 -7.54
C LYS A 148 22.92 -5.72 -7.64
N TRP A 149 22.44 -6.28 -8.76
CA TRP A 149 22.52 -7.71 -8.99
C TRP A 149 23.71 -7.97 -9.90
N LYS A 150 24.36 -9.12 -9.70
CA LYS A 150 25.36 -9.59 -10.63
C LYS A 150 25.19 -11.06 -10.90
N ILE A 151 25.46 -11.46 -12.14
CA ILE A 151 25.47 -12.85 -12.53
C ILE A 151 26.88 -13.14 -13.08
N ASP A 152 27.58 -14.09 -12.46
CA ASP A 152 28.95 -14.43 -12.87
C ASP A 152 29.82 -13.16 -12.76
N GLY A 153 29.56 -12.38 -11.73
CA GLY A 153 30.30 -11.17 -11.46
C GLY A 153 30.07 -9.98 -12.37
N SER A 154 29.12 -10.08 -13.31
CA SER A 154 28.73 -8.93 -14.14
C SER A 154 27.36 -8.33 -13.78
N GLU A 155 27.27 -7.00 -13.81
CA GLU A 155 26.07 -6.32 -13.40
C GLU A 155 24.90 -6.73 -14.30
N ARG A 156 23.74 -6.90 -13.68
CA ARG A 156 22.54 -7.34 -14.38
C ARG A 156 21.39 -6.42 -14.02
N GLN A 157 20.77 -5.77 -15.01
CA GLN A 157 19.64 -4.86 -14.72
C GLN A 157 18.23 -5.31 -15.14
N ASN A 158 18.10 -6.08 -16.21
CA ASN A 158 16.75 -6.49 -16.63
C ASN A 158 16.21 -7.69 -15.85
N GLY A 159 14.90 -7.70 -15.63
CA GLY A 159 14.28 -8.83 -14.95
C GLY A 159 14.23 -8.65 -13.46
N VAL A 160 14.65 -7.47 -13.00
CA VAL A 160 14.66 -7.12 -11.58
C VAL A 160 13.38 -6.34 -11.22
N LEU A 161 12.75 -6.67 -10.10
CA LEU A 161 11.61 -5.90 -9.62
C LEU A 161 11.71 -5.71 -8.11
N ASN A 162 11.57 -4.48 -7.66
CA ASN A 162 11.74 -4.14 -6.25
C ASN A 162 10.40 -3.78 -5.57
N SER A 163 10.29 -4.07 -4.29
CA SER A 163 9.14 -3.64 -3.51
C SER A 163 9.58 -3.16 -2.14
N TRP A 164 8.96 -2.08 -1.66
CA TRP A 164 9.35 -1.47 -0.39
C TRP A 164 8.19 -1.49 0.60
N THR A 165 8.47 -1.79 1.86
CA THR A 165 7.47 -1.63 2.91
C THR A 165 7.30 -0.16 3.31
N ASP A 166 6.22 0.14 4.02
CA ASP A 166 6.04 1.46 4.63
C ASP A 166 6.87 1.48 5.91
N GLN A 167 7.25 2.66 6.37
CA GLN A 167 7.99 2.76 7.62
C GLN A 167 7.34 1.96 8.74
N ASP A 168 8.11 1.11 9.41
CA ASP A 168 7.59 0.17 10.43
C ASP A 168 7.07 0.83 11.70
N SER A 169 5.86 0.48 12.12
CA SER A 169 5.22 1.16 13.26
C SER A 169 5.94 0.90 14.59
N LYS A 170 6.57 -0.27 14.70
CA LYS A 170 7.19 -0.69 15.95
C LYS A 170 8.63 -0.17 16.13
N ASP A 171 9.41 -0.08 15.04
CA ASP A 171 10.80 0.41 15.15
C ASP A 171 11.21 1.55 14.21
N SER A 172 10.29 1.99 13.36
CA SER A 172 10.52 3.15 12.52
C SER A 172 11.54 2.91 11.40
N THR A 173 11.80 1.65 11.09
CA THR A 173 12.70 1.35 9.98
C THR A 173 11.95 1.03 8.69
N TYR A 174 12.72 0.88 7.62
CA TYR A 174 12.23 0.43 6.33
C TYR A 174 12.86 -0.89 5.86
N SER A 175 12.13 -1.59 5.00
CA SER A 175 12.53 -2.89 4.46
C SER A 175 12.27 -2.96 2.96
N MET A 176 13.06 -3.78 2.27
CA MET A 176 13.00 -3.84 0.81
C MET A 176 13.12 -5.26 0.31
N SER A 177 12.44 -5.55 -0.80
CA SER A 177 12.57 -6.85 -1.40
C SER A 177 12.96 -6.66 -2.87
N SER A 178 13.89 -7.50 -3.35
CA SER A 178 14.37 -7.40 -4.74
C SER A 178 14.40 -8.78 -5.39
N THR A 179 13.67 -8.92 -6.49
CA THR A 179 13.49 -10.23 -7.09
C THR A 179 14.01 -10.18 -8.53
N LEU A 180 15.00 -11.03 -8.82
CA LEU A 180 15.55 -11.15 -10.18
C LEU A 180 14.99 -12.42 -10.77
N THR A 181 14.25 -12.28 -11.87
CA THR A 181 13.59 -13.42 -12.49
C THR A 181 14.14 -13.76 -13.87
N LEU A 182 14.44 -15.04 -14.07
CA LEU A 182 15.08 -15.55 -15.26
C LEU A 182 14.29 -16.77 -15.72
N THR A 183 14.47 -17.14 -16.99
CA THR A 183 13.99 -18.46 -17.43
C THR A 183 14.93 -19.54 -16.90
N LYS A 184 14.43 -20.76 -16.77
CA LYS A 184 15.23 -21.89 -16.32
C LYS A 184 16.46 -22.08 -17.21
N ASP A 185 16.27 -21.94 -18.52
CA ASP A 185 17.39 -22.13 -19.42
C ASP A 185 18.48 -21.09 -19.16
N GLU A 186 18.13 -19.81 -19.21
CA GLU A 186 19.10 -18.76 -18.87
C GLU A 186 19.71 -18.93 -17.50
N TYR A 187 18.90 -19.26 -16.50
CA TYR A 187 19.42 -19.49 -15.16
C TYR A 187 20.44 -20.61 -15.16
N GLU A 188 20.24 -21.59 -16.05
CA GLU A 188 21.14 -22.73 -16.11
C GLU A 188 22.39 -22.50 -17.02
N ARG A 189 22.55 -21.30 -17.56
CA ARG A 189 23.74 -20.95 -18.34
C ARG A 189 24.77 -20.17 -17.52
N HIS A 190 24.51 -20.02 -16.22
CA HIS A 190 25.40 -19.28 -15.34
C HIS A 190 25.47 -19.93 -14.00
N ASN A 191 26.54 -19.63 -13.27
CA ASN A 191 26.71 -20.22 -11.95
C ASN A 191 26.55 -19.32 -10.74
N SER A 192 27.08 -18.10 -10.81
CA SER A 192 27.17 -17.28 -9.59
C SER A 192 26.16 -16.13 -9.53
N TYR A 193 25.42 -16.01 -8.44
CA TYR A 193 24.38 -14.99 -8.32
C TYR A 193 24.58 -14.16 -7.08
N THR A 194 24.60 -12.84 -7.25
CA THR A 194 24.92 -11.93 -6.16
C THR A 194 24.04 -10.70 -6.05
N CYS A 195 23.61 -10.37 -4.82
CA CYS A 195 23.02 -9.05 -4.59
C CYS A 195 23.85 -8.21 -3.63
N GLU A 196 24.10 -6.96 -4.02
CA GLU A 196 24.88 -6.02 -3.21
C GLU A 196 24.05 -4.80 -2.86
N ALA A 197 23.98 -4.51 -1.57
CA ALA A 197 23.29 -3.35 -1.05
C ALA A 197 24.26 -2.23 -0.68
N THR A 198 24.02 -1.04 -1.21
CA THR A 198 24.76 0.14 -0.84
C THR A 198 23.84 1.03 0.01
N HIS A 199 24.32 1.42 1.20
CA HIS A 199 23.55 2.17 2.20
C HIS A 199 24.55 3.02 2.97
N LYS A 200 24.12 4.15 3.48
CA LYS A 200 25.06 5.06 4.12
C LYS A 200 25.71 4.51 5.40
N THR A 201 25.13 3.44 5.94
CA THR A 201 25.63 2.90 7.20
C THR A 201 26.93 2.11 7.03
N SER A 202 27.35 1.91 5.79
CA SER A 202 28.68 1.33 5.58
C SER A 202 29.43 1.87 4.38
N THR A 203 30.76 1.81 4.48
CA THR A 203 31.63 2.31 3.42
C THR A 203 31.90 1.28 2.31
N SER A 204 31.65 0.01 2.57
CA SER A 204 31.57 -0.98 1.48
C SER A 204 30.17 -1.60 1.46
N PRO A 205 29.76 -2.17 0.30
CA PRO A 205 28.43 -2.75 0.14
C PRO A 205 28.26 -4.00 0.99
N ILE A 206 27.03 -4.36 1.35
CA ILE A 206 26.78 -5.70 1.87
C ILE A 206 26.57 -6.63 0.68
N VAL A 207 27.32 -7.72 0.63
CA VAL A 207 27.29 -8.66 -0.49
C VAL A 207 26.89 -10.08 -0.08
N LYS A 208 25.82 -10.59 -0.69
CA LYS A 208 25.35 -11.95 -0.44
C LYS A 208 25.28 -12.70 -1.78
N SER A 209 25.76 -13.95 -1.81
CA SER A 209 25.89 -14.70 -3.05
C SER A 209 25.55 -16.15 -2.87
N PHE A 210 25.31 -16.84 -3.98
CA PHE A 210 25.30 -18.29 -3.98
C PHE A 210 25.72 -18.82 -5.34
N ASN A 211 26.02 -20.13 -5.38
CA ASN A 211 26.37 -20.79 -6.63
C ASN A 211 25.39 -21.90 -7.02
N ARG A 212 24.95 -21.88 -8.27
CA ARG A 212 24.05 -22.88 -8.81
C ARG A 212 24.49 -24.33 -8.58
N ASN A 213 25.79 -24.57 -8.41
CA ASN A 213 26.23 -25.95 -8.18
C ASN A 213 26.73 -26.26 -6.74
N GLU A 214 26.20 -25.53 -5.76
CA GLU A 214 26.64 -25.63 -4.35
C GLU A 214 26.14 -26.83 -3.52
N CYS A 215 26.87 -27.13 -2.43
CA CYS A 215 26.54 -28.16 -1.44
C CYS A 215 27.07 -27.85 -0.02
N GLU B 1 -21.23 5.13 17.33
CA GLU B 1 -20.91 4.32 16.15
C GLU B 1 -21.77 4.64 14.91
N VAL B 2 -21.63 5.83 14.37
CA VAL B 2 -22.05 6.01 12.99
C VAL B 2 -21.09 5.12 12.22
N LYS B 3 -21.57 4.50 11.14
CA LYS B 3 -20.76 3.57 10.38
C LYS B 3 -21.17 3.64 8.90
N LEU B 4 -20.23 3.41 7.98
CA LEU B 4 -20.55 3.25 6.55
C LEU B 4 -19.81 2.02 6.04
N VAL B 5 -20.53 1.08 5.45
CA VAL B 5 -19.90 -0.12 4.98
C VAL B 5 -20.13 -0.33 3.48
N GLU B 6 -19.03 -0.26 2.73
CA GLU B 6 -19.06 -0.43 1.28
C GLU B 6 -18.94 -1.90 0.93
N SER B 7 -19.67 -2.30 -0.11
CA SER B 7 -19.52 -3.63 -0.68
C SER B 7 -19.75 -3.60 -2.20
N GLY B 8 -19.45 -4.72 -2.83
CA GLY B 8 -19.66 -4.90 -4.26
C GLY B 8 -18.43 -4.79 -5.14
N GLY B 9 -17.30 -4.38 -4.59
CA GLY B 9 -16.13 -4.18 -5.42
C GLY B 9 -15.46 -5.47 -5.87
N GLY B 10 -14.91 -5.49 -7.08
CA GLY B 10 -14.26 -6.69 -7.53
C GLY B 10 -13.66 -6.46 -8.89
N LEU B 11 -13.32 -7.56 -9.56
CA LEU B 11 -12.72 -7.53 -10.89
C LEU B 11 -13.81 -7.49 -11.94
N VAL B 12 -13.64 -6.61 -12.93
CA VAL B 12 -14.52 -6.51 -14.08
C VAL B 12 -13.70 -6.12 -15.33
N LYS B 13 -14.17 -6.51 -16.53
CA LYS B 13 -13.46 -6.21 -17.80
C LYS B 13 -13.59 -4.75 -18.19
N PRO B 14 -12.62 -4.24 -18.96
CA PRO B 14 -12.88 -2.90 -19.51
C PRO B 14 -14.19 -2.95 -20.27
N GLY B 15 -14.96 -1.88 -20.21
CA GLY B 15 -16.29 -1.86 -20.78
C GLY B 15 -17.39 -2.44 -19.90
N GLY B 16 -17.03 -3.22 -18.89
CA GLY B 16 -18.01 -3.84 -18.01
C GLY B 16 -18.85 -2.84 -17.20
N SER B 17 -19.68 -3.38 -16.32
CA SER B 17 -20.52 -2.58 -15.44
C SER B 17 -20.44 -3.23 -14.09
N LEU B 18 -20.65 -2.45 -13.03
CA LEU B 18 -20.56 -2.96 -11.67
C LEU B 18 -21.32 -2.04 -10.75
N LYS B 19 -22.04 -2.58 -9.79
CA LYS B 19 -22.76 -1.74 -8.84
C LYS B 19 -22.17 -1.85 -7.44
N LEU B 20 -21.76 -0.73 -6.87
CA LEU B 20 -21.32 -0.67 -5.47
C LEU B 20 -22.45 -0.22 -4.56
N SER B 21 -22.44 -0.74 -3.34
CA SER B 21 -23.44 -0.41 -2.32
C SER B 21 -22.73 0.14 -1.10
N CYS B 22 -23.39 1.03 -0.37
CA CYS B 22 -22.88 1.53 0.87
C CYS B 22 -24.00 1.53 1.93
N ALA B 23 -23.87 0.69 2.93
CA ALA B 23 -24.85 0.63 4.03
C ALA B 23 -24.50 1.52 5.23
N ALA B 24 -25.42 2.42 5.51
CA ALA B 24 -25.20 3.46 6.48
C ALA B 24 -25.91 3.04 7.74
N SER B 25 -25.35 3.41 8.89
CA SER B 25 -26.03 3.14 10.18
C SER B 25 -25.56 4.11 11.26
N GLY B 26 -26.45 4.40 12.21
CA GLY B 26 -26.11 5.15 13.41
C GLY B 26 -26.34 6.62 13.29
N PHE B 27 -26.94 7.07 12.19
CA PHE B 27 -27.30 8.47 12.04
C PHE B 27 -28.49 8.59 11.12
N THR B 28 -29.04 9.79 10.99
CA THR B 28 -30.20 9.90 10.15
C THR B 28 -29.83 10.21 8.67
N PHE B 29 -29.65 9.12 7.94
CA PHE B 29 -29.14 9.09 6.56
C PHE B 29 -29.87 10.11 5.69
N ASN B 30 -31.19 10.23 5.84
CA ASN B 30 -31.97 11.16 4.99
C ASN B 30 -31.66 12.63 5.19
N ASN B 31 -30.87 12.97 6.21
CA ASN B 31 -30.59 14.40 6.41
C ASN B 31 -29.21 14.83 5.85
N TYR B 32 -28.52 13.92 5.15
CA TYR B 32 -27.14 14.19 4.69
C TYR B 32 -26.91 14.02 3.19
N VAL B 33 -26.11 14.93 2.63
CA VAL B 33 -25.48 14.71 1.35
C VAL B 33 -24.53 13.52 1.52
N MET B 34 -24.51 12.62 0.55
CA MET B 34 -23.66 11.44 0.60
C MET B 34 -22.82 11.45 -0.67
N VAL B 35 -21.64 10.84 -0.59
CA VAL B 35 -20.61 11.05 -1.62
C VAL B 35 -19.79 9.77 -1.85
N TRP B 36 -19.35 9.53 -3.09
CA TRP B 36 -18.32 8.55 -3.40
C TRP B 36 -17.04 9.26 -3.77
N LEU B 37 -15.95 8.77 -3.17
CA LEU B 37 -14.62 9.17 -3.51
C LEU B 37 -13.86 7.92 -3.91
N ARG B 38 -12.69 8.08 -4.51
CA ARG B 38 -11.89 6.89 -4.76
C ARG B 38 -10.42 7.25 -4.59
N GLN B 39 -9.61 6.26 -4.26
CA GLN B 39 -8.18 6.46 -4.07
C GLN B 39 -7.47 5.57 -5.08
N THR B 40 -6.66 6.19 -5.93
CA THR B 40 -5.98 5.45 -7.00
C THR B 40 -4.79 4.63 -6.47
N PRO B 41 -4.32 3.67 -7.27
CA PRO B 41 -3.15 2.92 -6.80
C PRO B 41 -1.98 3.86 -6.46
N GLU B 42 -1.93 5.02 -7.09
CA GLU B 42 -0.91 6.03 -6.78
C GLU B 42 -1.18 6.83 -5.48
N LYS B 43 -2.24 6.42 -4.76
CA LYS B 43 -2.66 7.04 -3.48
C LYS B 43 -3.26 8.46 -3.64
N ARG B 44 -3.64 8.78 -4.87
CA ARG B 44 -4.33 10.04 -5.15
C ARG B 44 -5.83 9.92 -4.83
N LEU B 45 -6.37 10.95 -4.16
CA LEU B 45 -7.81 11.01 -3.85
C LEU B 45 -8.58 11.83 -4.89
N GLU B 46 -9.72 11.29 -5.32
CA GLU B 46 -10.55 11.88 -6.36
C GLU B 46 -12.03 11.83 -5.99
N TRP B 47 -12.71 12.95 -6.15
CA TRP B 47 -14.16 13.01 -6.00
C TRP B 47 -14.81 12.26 -7.16
N VAL B 48 -15.74 11.36 -6.88
CA VAL B 48 -16.43 10.59 -7.91
C VAL B 48 -17.87 11.04 -8.14
N ALA B 49 -18.63 11.25 -7.06
CA ALA B 49 -20.02 11.70 -7.22
C ALA B 49 -20.60 12.23 -5.92
N SER B 50 -21.53 13.19 -6.01
CA SER B 50 -22.33 13.53 -4.84
C SER B 50 -23.81 13.40 -5.13
N ILE B 51 -24.58 13.22 -4.07
CA ILE B 51 -26.03 13.19 -4.19
C ILE B 51 -26.67 13.89 -3.01
N SER B 52 -27.44 14.94 -3.29
CA SER B 52 -28.18 15.65 -2.24
C SER B 52 -29.15 14.73 -1.49
N ARG B 53 -29.62 15.20 -0.34
CA ARG B 53 -30.71 14.54 0.40
C ARG B 53 -31.90 14.29 -0.58
N GLY B 54 -32.09 15.19 -1.53
CA GLY B 54 -33.24 15.13 -2.40
C GLY B 54 -33.01 14.42 -3.73
N GLY B 55 -31.84 13.82 -3.89
CA GLY B 55 -31.57 13.06 -5.09
C GLY B 55 -30.96 13.83 -6.27
N SER B 56 -30.63 15.09 -6.06
CA SER B 56 -29.85 15.83 -7.06
C SER B 56 -28.40 15.32 -7.14
N THR B 57 -27.94 14.96 -8.33
CA THR B 57 -26.61 14.37 -8.48
C THR B 57 -25.59 15.31 -9.15
N TYR B 58 -24.31 15.12 -8.84
CA TYR B 58 -23.21 15.89 -9.40
C TYR B 58 -22.02 15.01 -9.64
N TYR B 59 -21.31 15.28 -10.73
CA TYR B 59 -20.20 14.45 -11.17
C TYR B 59 -19.09 15.31 -11.78
N PRO B 60 -17.84 14.87 -11.65
CA PRO B 60 -16.76 15.47 -12.44
C PRO B 60 -16.84 14.93 -13.88
N ASP B 61 -16.20 15.59 -14.84
CA ASP B 61 -16.33 15.14 -16.24
C ASP B 61 -15.76 13.73 -16.44
N SER B 62 -14.73 13.38 -15.67
CA SER B 62 -14.12 12.04 -15.72
C SER B 62 -15.08 10.83 -15.74
N VAL B 63 -16.23 10.94 -15.07
CA VAL B 63 -17.14 9.78 -15.00
C VAL B 63 -18.54 10.14 -15.44
N LYS B 64 -18.76 11.43 -15.71
CA LYS B 64 -20.05 11.93 -16.14
C LYS B 64 -20.50 11.07 -17.32
N GLY B 65 -21.76 10.65 -17.30
CA GLY B 65 -22.29 9.81 -18.37
C GLY B 65 -22.05 8.33 -18.14
N ARG B 66 -21.02 8.00 -17.35
CA ARG B 66 -20.68 6.61 -17.11
C ARG B 66 -21.18 6.08 -15.74
N PHE B 67 -21.01 6.88 -14.69
CA PHE B 67 -21.40 6.44 -13.33
C PHE B 67 -22.71 7.13 -12.96
N THR B 68 -23.53 6.45 -12.18
CA THR B 68 -24.76 7.03 -11.62
C THR B 68 -24.80 6.76 -10.12
N ILE B 69 -24.84 7.82 -9.31
CA ILE B 69 -24.97 7.68 -7.86
C ILE B 69 -26.46 7.72 -7.60
N SER B 70 -26.92 6.90 -6.66
CA SER B 70 -28.33 6.99 -6.29
C SER B 70 -28.44 6.63 -4.83
N ARG B 71 -29.60 6.88 -4.24
CA ARG B 71 -29.79 6.58 -2.83
C ARG B 71 -31.21 6.04 -2.53
N ASP B 72 -31.29 5.21 -1.51
CA ASP B 72 -32.53 4.65 -1.02
C ASP B 72 -32.73 5.09 0.43
N ASN B 73 -33.34 6.25 0.63
CA ASN B 73 -33.45 6.82 1.98
C ASN B 73 -34.22 5.95 2.96
N ALA B 74 -34.75 4.83 2.48
CA ALA B 74 -35.59 3.97 3.29
C ALA B 74 -34.86 2.75 3.83
N ARG B 75 -34.01 2.13 3.02
CA ARG B 75 -33.12 1.12 3.58
C ARG B 75 -31.79 1.72 4.05
N ASN B 76 -31.60 3.03 3.90
CA ASN B 76 -30.35 3.66 4.34
C ASN B 76 -29.14 3.12 3.53
N ILE B 77 -29.26 3.12 2.19
CA ILE B 77 -28.21 2.56 1.35
C ILE B 77 -27.87 3.52 0.22
N LEU B 78 -26.58 3.64 -0.08
CA LEU B 78 -26.09 4.50 -1.14
C LEU B 78 -25.55 3.59 -2.21
N TYR B 79 -25.79 3.94 -3.48
CA TYR B 79 -25.28 3.14 -4.59
C TYR B 79 -24.39 3.92 -5.55
N LEU B 80 -23.50 3.20 -6.23
CA LEU B 80 -22.75 3.73 -7.36
C LEU B 80 -22.85 2.72 -8.49
N GLN B 81 -23.61 3.06 -9.52
CA GLN B 81 -23.71 2.15 -10.66
C GLN B 81 -22.60 2.51 -11.65
N MET B 82 -21.66 1.61 -11.88
CA MET B 82 -20.57 1.90 -12.81
C MET B 82 -20.82 1.19 -14.17
N SER B 83 -20.53 1.88 -15.27
CA SER B 83 -20.61 1.27 -16.60
C SER B 83 -19.56 1.90 -17.51
N SER B 84 -19.31 1.31 -18.67
CA SER B 84 -18.27 1.84 -19.59
C SER B 84 -16.92 1.95 -18.85
N LEU B 85 -16.57 0.95 -18.07
CA LEU B 85 -15.42 1.08 -17.17
C LEU B 85 -14.11 1.08 -17.96
N ARG B 86 -13.09 1.77 -17.42
CA ARG B 86 -11.74 1.81 -17.98
C ARG B 86 -10.72 1.37 -16.91
N SER B 87 -9.47 1.11 -17.30
CA SER B 87 -8.44 0.63 -16.36
C SER B 87 -8.16 1.69 -15.32
N GLU B 88 -8.34 2.95 -15.74
CA GLU B 88 -8.12 4.09 -14.89
C GLU B 88 -9.25 4.26 -13.87
N ASP B 89 -10.27 3.42 -13.95
CA ASP B 89 -11.31 3.46 -12.93
C ASP B 89 -10.91 2.53 -11.80
N THR B 90 -9.81 1.81 -12.01
CA THR B 90 -9.30 0.91 -10.98
C THR B 90 -8.94 1.76 -9.77
N ALA B 91 -9.51 1.42 -8.61
CA ALA B 91 -9.25 2.20 -7.41
C ALA B 91 -9.98 1.59 -6.25
N MET B 92 -9.63 2.07 -5.08
CA MET B 92 -10.41 1.77 -3.92
C MET B 92 -11.51 2.84 -3.77
N TYR B 93 -12.77 2.38 -3.68
CA TYR B 93 -13.93 3.30 -3.60
C TYR B 93 -14.41 3.50 -2.15
N TYR B 94 -14.49 4.77 -1.74
CA TYR B 94 -15.00 5.18 -0.44
C TYR B 94 -16.38 5.83 -0.47
N CYS B 95 -17.24 5.35 0.42
CA CYS B 95 -18.50 5.97 0.76
C CYS B 95 -18.23 7.00 1.85
N VAL B 96 -18.67 8.24 1.64
CA VAL B 96 -18.38 9.31 2.58
C VAL B 96 -19.60 10.19 2.89
N ARG B 97 -19.77 10.53 4.17
CA ARG B 97 -20.84 11.46 4.58
C ARG B 97 -20.39 12.92 4.53
N GLY B 98 -21.15 13.76 3.82
CA GLY B 98 -20.74 15.12 3.55
C GLY B 98 -21.32 16.08 4.56
N THR B 99 -20.58 17.16 4.85
CA THR B 99 -21.15 18.19 5.71
C THR B 99 -21.59 19.41 4.90
N THR B 100 -22.20 20.37 5.60
CA THR B 100 -22.70 21.55 4.92
C THR B 100 -21.60 22.49 4.41
N ILE B 101 -20.38 22.29 4.90
CA ILE B 101 -19.23 23.03 4.38
C ILE B 101 -18.34 22.17 3.48
N VAL B 102 -18.90 21.08 2.97
CA VAL B 102 -18.25 20.29 1.94
C VAL B 102 -16.94 19.63 2.46
N ALA B 103 -17.00 19.18 3.71
CA ALA B 103 -16.00 18.24 4.27
C ALA B 103 -16.62 16.85 4.32
N GLY B 104 -15.82 15.81 4.52
CA GLY B 104 -16.34 14.45 4.65
C GLY B 104 -16.03 13.97 6.04
N ASP B 105 -17.06 13.81 6.87
CA ASP B 105 -16.78 13.62 8.29
C ASP B 105 -16.83 12.17 8.74
N VAL B 106 -17.34 11.31 7.88
CA VAL B 106 -17.42 9.88 8.16
C VAL B 106 -17.05 9.13 6.89
N TRP B 107 -16.11 8.19 6.99
CA TRP B 107 -15.68 7.43 5.82
C TRP B 107 -15.82 5.94 6.08
N GLY B 108 -16.15 5.18 5.05
CA GLY B 108 -16.22 3.74 5.15
C GLY B 108 -14.81 3.14 5.12
N ALA B 109 -14.72 1.81 5.18
CA ALA B 109 -13.45 1.13 5.05
C ALA B 109 -13.00 1.00 3.60
N GLY B 110 -13.93 1.16 2.66
CA GLY B 110 -13.58 1.08 1.24
C GLY B 110 -13.88 -0.26 0.57
N THR B 111 -14.14 -0.23 -0.74
CA THR B 111 -14.25 -1.46 -1.51
C THR B 111 -13.45 -1.31 -2.80
N THR B 112 -12.70 -2.35 -3.13
CA THR B 112 -11.74 -2.32 -4.23
C THR B 112 -12.32 -2.76 -5.57
N VAL B 113 -12.09 -1.95 -6.59
CA VAL B 113 -12.54 -2.25 -7.95
C VAL B 113 -11.29 -2.36 -8.82
N THR B 114 -11.16 -3.49 -9.54
CA THR B 114 -10.07 -3.68 -10.50
C THR B 114 -10.68 -3.85 -11.88
N VAL B 115 -10.36 -2.94 -12.79
CA VAL B 115 -10.84 -3.02 -14.17
C VAL B 115 -9.70 -3.54 -15.05
N SER B 116 -9.80 -4.80 -15.46
CA SER B 116 -8.75 -5.46 -16.26
C SER B 116 -9.22 -6.63 -17.13
N SER B 117 -8.50 -6.86 -18.22
CA SER B 117 -8.74 -8.02 -19.08
C SER B 117 -7.99 -9.29 -18.64
N ALA B 118 -7.03 -9.15 -17.74
CA ALA B 118 -6.35 -10.32 -17.16
C ALA B 118 -7.36 -11.26 -16.50
N LYS B 119 -7.09 -12.57 -16.54
CA LYS B 119 -8.02 -13.54 -15.96
C LYS B 119 -7.65 -13.87 -14.54
N THR B 120 -8.65 -14.25 -13.75
CA THR B 120 -8.38 -14.70 -12.40
C THR B 120 -7.41 -15.89 -12.43
N THR B 121 -6.35 -15.78 -11.64
CA THR B 121 -5.28 -16.77 -11.65
C THR B 121 -4.81 -16.98 -10.22
N PRO B 122 -4.72 -18.23 -9.79
CA PRO B 122 -4.22 -18.58 -8.46
C PRO B 122 -2.70 -18.40 -8.41
N PRO B 123 -2.15 -18.09 -7.24
CA PRO B 123 -0.71 -17.95 -7.07
C PRO B 123 -0.01 -19.31 -7.09
N SER B 124 1.22 -19.31 -7.59
CA SER B 124 2.13 -20.40 -7.32
C SER B 124 2.89 -19.98 -6.07
N VAL B 125 3.01 -20.87 -5.09
CA VAL B 125 3.69 -20.52 -3.86
C VAL B 125 5.01 -21.31 -3.66
N TYR B 126 6.12 -20.58 -3.74
CA TYR B 126 7.46 -21.20 -3.62
C TYR B 126 8.12 -20.82 -2.32
N PRO B 127 8.83 -21.77 -1.72
CA PRO B 127 9.57 -21.56 -0.46
C PRO B 127 10.86 -20.80 -0.70
N LEU B 128 11.29 -20.02 0.28
CA LEU B 128 12.60 -19.40 0.24
C LEU B 128 13.41 -19.88 1.43
N ALA B 129 14.31 -20.82 1.17
CA ALA B 129 15.25 -21.28 2.17
C ALA B 129 16.66 -20.87 1.78
N PRO B 130 17.53 -20.64 2.77
CA PRO B 130 18.93 -20.25 2.58
C PRO B 130 19.65 -21.32 1.77
N GLY B 131 20.60 -20.95 0.90
CA GLY B 131 21.34 -21.92 0.12
C GLY B 131 21.94 -23.03 1.00
N SER B 132 22.23 -24.19 0.40
CA SER B 132 22.77 -25.33 1.16
C SER B 132 24.07 -24.93 1.84
N ALA B 133 24.75 -23.93 1.27
CA ALA B 133 26.04 -23.49 1.78
C ALA B 133 25.97 -22.30 2.76
N ALA B 134 24.83 -21.60 2.81
CA ALA B 134 24.63 -20.51 3.78
C ALA B 134 25.37 -20.71 5.12
N GLN B 135 25.88 -19.63 5.72
CA GLN B 135 26.51 -19.66 7.05
C GLN B 135 25.59 -19.14 8.18
N THR B 136 25.81 -19.61 9.40
CA THR B 136 24.93 -19.31 10.53
C THR B 136 25.29 -18.06 11.34
N ASN B 137 24.27 -17.49 11.98
CA ASN B 137 24.39 -16.95 13.34
C ASN B 137 23.24 -16.15 13.92
N SER B 138 22.62 -16.73 14.94
CA SER B 138 21.70 -16.02 15.82
C SER B 138 20.26 -16.06 15.26
N MET B 139 20.00 -15.18 14.30
CA MET B 139 18.73 -15.18 13.56
C MET B 139 18.88 -15.79 12.16
N VAL B 140 17.86 -16.52 11.73
CA VAL B 140 17.72 -16.91 10.33
C VAL B 140 16.53 -16.15 9.71
N THR B 141 16.61 -15.92 8.40
CA THR B 141 15.47 -15.37 7.67
C THR B 141 15.01 -16.37 6.62
N LEU B 142 13.70 -16.61 6.56
CA LEU B 142 13.09 -17.49 5.59
C LEU B 142 12.06 -16.72 4.80
N GLY B 143 11.41 -17.38 3.85
CA GLY B 143 10.47 -16.68 3.02
C GLY B 143 9.49 -17.50 2.21
N CYS B 144 8.47 -16.81 1.73
CA CYS B 144 7.59 -17.37 0.73
C CYS B 144 7.49 -16.37 -0.42
N LEU B 145 7.70 -16.86 -1.62
CA LEU B 145 7.54 -16.07 -2.81
C LEU B 145 6.19 -16.50 -3.42
N VAL B 146 5.28 -15.54 -3.57
CA VAL B 146 3.88 -15.80 -3.94
C VAL B 146 3.64 -15.19 -5.31
N LYS B 147 3.65 -16.02 -6.35
CA LYS B 147 3.91 -15.48 -7.67
C LYS B 147 2.82 -15.81 -8.70
N GLY B 148 2.55 -14.85 -9.58
CA GLY B 148 1.70 -15.08 -10.75
C GLY B 148 0.19 -15.19 -10.50
N TYR B 149 -0.31 -14.38 -9.58
CA TYR B 149 -1.74 -14.41 -9.22
C TYR B 149 -2.51 -13.19 -9.76
N PHE B 150 -3.84 -13.26 -9.77
CA PHE B 150 -4.69 -12.13 -10.21
C PHE B 150 -6.14 -12.44 -9.79
N PRO B 151 -6.84 -11.40 -9.30
CA PRO B 151 -6.28 -10.09 -8.98
C PRO B 151 -5.87 -10.02 -7.52
N GLU B 152 -5.54 -8.81 -7.08
CA GLU B 152 -5.36 -8.52 -5.66
C GLU B 152 -6.70 -8.71 -4.97
N PRO B 153 -6.69 -9.15 -3.70
CA PRO B 153 -5.49 -9.31 -2.88
C PRO B 153 -5.20 -10.78 -2.56
N VAL B 154 -4.07 -11.01 -1.89
CA VAL B 154 -3.84 -12.27 -1.19
C VAL B 154 -3.63 -11.88 0.25
N THR B 155 -3.61 -12.87 1.12
CA THR B 155 -3.22 -12.62 2.49
C THR B 155 -2.26 -13.73 2.85
N VAL B 156 -1.20 -13.38 3.57
CA VAL B 156 -0.23 -14.37 3.99
C VAL B 156 -0.16 -14.31 5.48
N THR B 157 -0.18 -15.47 6.11
CA THR B 157 0.14 -15.55 7.51
C THR B 157 1.22 -16.57 7.63
N TRP B 158 1.90 -16.54 8.75
CA TRP B 158 2.88 -17.55 9.04
C TRP B 158 2.35 -18.38 10.19
N ASN B 159 2.56 -19.69 10.12
CA ASN B 159 2.09 -20.62 11.14
C ASN B 159 0.64 -20.30 11.57
N SER B 160 -0.25 -20.39 10.59
CA SER B 160 -1.66 -19.99 10.73
C SER B 160 -1.93 -18.80 11.66
N GLY B 161 -0.90 -17.99 11.92
CA GLY B 161 -1.05 -16.75 12.67
C GLY B 161 -0.21 -16.68 13.92
N SER B 162 0.43 -17.79 14.26
CA SER B 162 1.24 -17.92 15.47
C SER B 162 2.46 -17.01 15.42
N LEU B 163 3.19 -17.08 14.30
CA LEU B 163 4.32 -16.19 14.06
C LEU B 163 3.81 -14.91 13.41
N SER B 164 4.09 -13.78 14.04
CA SER B 164 3.58 -12.51 13.55
C SER B 164 4.63 -11.41 13.70
N SER B 165 5.44 -11.50 14.75
CA SER B 165 6.56 -10.59 14.90
C SER B 165 7.66 -11.03 13.93
N GLY B 166 8.48 -10.08 13.48
CA GLY B 166 9.53 -10.39 12.54
C GLY B 166 9.03 -10.77 11.16
N VAL B 167 7.84 -10.31 10.81
CA VAL B 167 7.32 -10.54 9.47
C VAL B 167 7.35 -9.25 8.66
N HIS B 168 7.79 -9.37 7.41
CA HIS B 168 7.64 -8.27 6.48
C HIS B 168 6.96 -8.89 5.27
N THR B 169 5.74 -8.47 4.99
CA THR B 169 5.08 -8.90 3.77
C THR B 169 5.03 -7.71 2.83
N PHE B 170 5.67 -7.86 1.68
CA PHE B 170 5.91 -6.72 0.80
C PHE B 170 4.73 -6.47 -0.15
N PRO B 171 4.44 -5.21 -0.45
CA PRO B 171 3.39 -4.91 -1.44
C PRO B 171 3.66 -5.64 -2.74
N ALA B 172 2.58 -6.03 -3.42
CA ALA B 172 2.68 -6.76 -4.68
C ALA B 172 3.14 -5.87 -5.81
N VAL B 173 3.78 -6.48 -6.79
CA VAL B 173 4.15 -5.73 -7.95
C VAL B 173 3.48 -6.40 -9.13
N LEU B 174 3.08 -5.62 -10.10
CA LEU B 174 2.39 -6.17 -11.26
C LEU B 174 3.29 -6.21 -12.48
N GLN B 175 3.45 -7.37 -13.09
CA GLN B 175 4.00 -7.38 -14.45
C GLN B 175 3.37 -8.34 -15.45
N SER B 176 3.17 -7.83 -16.67
CA SER B 176 2.35 -8.49 -17.70
C SER B 176 1.16 -9.20 -17.02
N ASP B 177 0.18 -8.38 -16.67
CA ASP B 177 -1.06 -8.80 -16.06
C ASP B 177 -0.96 -9.91 -15.01
N LEU B 178 0.13 -9.93 -14.24
CA LEU B 178 0.15 -10.79 -13.06
C LEU B 178 0.87 -10.17 -11.85
N TYR B 179 0.45 -10.57 -10.65
CA TYR B 179 1.02 -10.05 -9.42
C TYR B 179 2.04 -10.99 -8.76
N THR B 180 3.02 -10.41 -8.07
CA THR B 180 4.00 -11.16 -7.32
C THR B 180 4.30 -10.36 -6.06
N LEU B 181 4.35 -11.05 -4.93
CA LEU B 181 4.83 -10.44 -3.71
C LEU B 181 5.65 -11.49 -3.00
N SER B 182 6.44 -11.08 -2.05
CA SER B 182 7.11 -12.06 -1.23
C SER B 182 6.85 -11.68 0.21
N SER B 183 7.10 -12.61 1.11
CA SER B 183 7.01 -12.34 2.54
C SER B 183 8.18 -12.96 3.25
N SER B 184 8.75 -12.22 4.19
CA SER B 184 9.88 -12.75 4.93
C SER B 184 9.53 -12.86 6.40
N VAL B 185 10.12 -13.87 7.05
CA VAL B 185 9.98 -14.04 8.48
C VAL B 185 11.35 -14.36 9.05
N THR B 186 11.60 -13.80 10.22
CA THR B 186 12.87 -14.01 10.89
C THR B 186 12.62 -14.67 12.26
N VAL B 187 13.28 -15.79 12.49
CA VAL B 187 13.15 -16.57 13.71
C VAL B 187 14.53 -17.05 14.16
N PRO B 188 14.69 -17.26 15.48
CA PRO B 188 15.95 -17.68 16.13
C PRO B 188 16.57 -18.92 15.49
N SER B 189 17.89 -18.93 15.34
CA SER B 189 18.54 -19.95 14.51
C SER B 189 18.31 -21.39 14.98
N SER B 190 18.26 -21.57 16.29
CA SER B 190 18.04 -22.89 16.91
C SER B 190 16.59 -23.35 16.70
N THR B 191 15.72 -22.35 16.59
CA THR B 191 14.28 -22.50 16.40
C THR B 191 13.90 -23.12 15.05
N TRP B 192 14.87 -23.26 14.15
CA TRP B 192 14.61 -23.84 12.83
C TRP B 192 15.78 -24.74 12.42
N PRO B 193 15.48 -25.86 11.73
CA PRO B 193 14.17 -26.40 11.31
C PRO B 193 13.35 -27.08 12.42
N SER B 194 13.84 -27.06 13.66
CA SER B 194 13.16 -27.69 14.81
C SER B 194 11.67 -27.28 14.88
N GLU B 195 11.44 -25.98 15.03
CA GLU B 195 10.10 -25.38 14.95
C GLU B 195 9.64 -25.19 13.50
N THR B 196 8.88 -26.14 12.99
CA THR B 196 8.18 -25.99 11.72
C THR B 196 7.80 -24.52 11.37
N VAL B 197 8.14 -24.10 10.16
CA VAL B 197 7.74 -22.80 9.63
C VAL B 197 7.00 -23.04 8.30
N THR B 198 5.77 -22.53 8.23
CA THR B 198 4.95 -22.71 7.04
C THR B 198 4.35 -21.35 6.80
N CYS B 199 4.22 -20.96 5.54
CA CYS B 199 3.47 -19.75 5.23
C CYS B 199 2.10 -20.23 4.78
N ASN B 200 1.06 -19.45 5.03
CA ASN B 200 -0.27 -19.83 4.56
C ASN B 200 -0.73 -18.74 3.63
N VAL B 201 -1.03 -19.09 2.39
CA VAL B 201 -1.42 -18.04 1.46
C VAL B 201 -2.84 -18.24 0.97
N ALA B 202 -3.71 -17.28 1.28
CA ALA B 202 -5.09 -17.36 0.82
C ALA B 202 -5.32 -16.42 -0.35
N HIS B 203 -5.97 -16.92 -1.39
CA HIS B 203 -6.36 -16.09 -2.53
C HIS B 203 -7.87 -16.16 -2.80
N PRO B 204 -8.66 -15.41 -2.01
CA PRO B 204 -10.09 -15.22 -2.23
C PRO B 204 -10.55 -15.44 -3.68
N ALA B 205 -10.21 -14.53 -4.59
CA ALA B 205 -10.80 -14.54 -5.94
C ALA B 205 -10.70 -15.88 -6.69
N SER B 206 -9.81 -16.76 -6.23
CA SER B 206 -9.59 -18.02 -6.92
C SER B 206 -10.14 -19.20 -6.10
N SER B 207 -10.62 -18.90 -4.89
CA SER B 207 -11.06 -19.90 -3.91
C SER B 207 -9.90 -20.83 -3.56
N THR B 208 -8.71 -20.25 -3.69
CA THR B 208 -7.43 -20.88 -3.38
C THR B 208 -6.96 -20.53 -1.98
N LYS B 209 -6.44 -21.52 -1.28
CA LYS B 209 -5.64 -21.35 -0.08
C LYS B 209 -4.54 -22.40 -0.20
N VAL B 210 -3.30 -22.03 0.06
CA VAL B 210 -2.24 -23.05 0.14
C VAL B 210 -1.30 -22.82 1.28
N ASP B 211 -0.67 -23.92 1.70
CA ASP B 211 0.37 -23.88 2.71
C ASP B 211 1.67 -24.45 2.14
N LYS B 212 2.78 -23.82 2.50
CA LYS B 212 4.10 -24.30 2.09
C LYS B 212 5.05 -24.32 3.29
N LYS B 213 5.53 -25.50 3.65
CA LYS B 213 6.52 -25.62 4.71
C LYS B 213 7.90 -25.36 4.12
N ILE B 214 8.70 -24.59 4.85
CA ILE B 214 10.03 -24.20 4.41
C ILE B 214 11.03 -25.23 4.89
N VAL B 215 11.47 -26.11 3.98
CA VAL B 215 12.38 -27.20 4.31
C VAL B 215 13.83 -26.78 4.02
N PRO B 216 14.78 -27.14 4.90
CA PRO B 216 16.17 -26.82 4.57
C PRO B 216 16.64 -27.39 3.21
N ARG B 217 17.40 -26.59 2.45
CA ARG B 217 18.05 -27.04 1.21
C ARG B 217 19.26 -27.96 1.49
N ASP B 218 19.32 -29.11 0.80
CA ASP B 218 20.17 -30.27 1.15
C ASP B 218 20.79 -31.04 -0.01
N CYS B 219 22.00 -31.59 0.18
CA CYS B 219 22.57 -32.57 -0.80
C CYS B 219 21.87 -33.95 -0.76
C1 TCI C . -19.75 17.08 -1.23
O1 TCI C . -20.79 17.97 -3.17
C2 TCI C . -19.67 17.04 0.15
O2 TCI C . -22.22 19.51 1.02
C3 TCI C . -20.52 17.85 0.91
C4 TCI C . -21.46 18.69 0.26
C5 TCI C . -21.53 18.68 -1.13
C6 TCI C . -20.70 17.89 -1.84
C7 TCI C . -22.41 19.59 -2.06
C8 TCI C . -23.74 19.82 -1.28
C9 TCI C . -24.95 20.07 -1.92
C10 TCI C . -24.91 20.14 -3.42
C11 TCI C . -23.54 20.36 -4.06
C12 TCI C . -22.70 19.18 -3.55
C13 TCI C . -21.28 19.07 -4.06
C14 TCI C . -21.27 18.54 -5.48
C15 TCI C . -20.38 20.31 -3.81
C16 TCI C . -26.30 20.16 -1.20
C17 TCI C . -18.65 16.02 0.74
C18 TCI C . -17.23 16.34 0.36
C19 TCI C . -16.29 15.21 0.87
C20 TCI C . -14.81 15.50 0.62
C21 TCI C . -13.98 14.34 1.18
C21 TCI C . -14.46 15.73 -0.85
#